data_7ZHC
#
_entry.id   7ZHC
#
_cell.length_a   48.108
_cell.length_b   97.773
_cell.length_c   48.453
_cell.angle_alpha   90.000
_cell.angle_beta   117.400
_cell.angle_gamma   90.000
#
_symmetry.space_group_name_H-M   'P 1 21 1'
#
loop_
_entity.id
_entity.type
_entity.pdbx_description
1 polymer 'N-acetyltransferase domain-containing protein'
2 non-polymer 'ACETYL COENZYME *A'
3 non-polymer GLYCEROL
4 non-polymer 'PENTAETHYLENE GLYCOL'
5 water water
#
_entity_poly.entity_id   1
_entity_poly.type   'polypeptide(L)'
_entity_poly.pdbx_seq_one_letter_code
;MGSSHHHHHHSSGLVPRGSHMAMEGTLTATVRLATPADAPSIAKLIRELADFEELSHACVVTEEKLHSSLWKLPPFQGPT
VLMLEVCQQEENVVEVKEDWHAEGEVFEPIVRSVVLKNPIDDSAREGFRSPSTGTHTTVGFVLFFPNYSTFLAKGGYYIE
DLYVRKPYRGTGLGTILLKSVVQQAKKLRAGRVEWCVLDWNVNAIKFYEGLGAKVMPEWRICRLTGEALEACAL
;
_entity_poly.pdbx_strand_id   A,B
#
# COMPACT_ATOMS: atom_id res chain seq x y z
N ALA A 22 12.40 34.69 -13.15
CA ALA A 22 11.86 35.03 -14.47
C ALA A 22 10.34 34.95 -14.45
N MET A 23 9.76 33.88 -13.89
CA MET A 23 8.31 33.78 -13.78
C MET A 23 7.93 34.61 -12.55
N GLU A 24 7.10 35.64 -12.73
CA GLU A 24 6.73 36.53 -11.64
C GLU A 24 5.22 36.67 -11.52
N GLY A 25 4.77 37.23 -10.40
CA GLY A 25 3.36 37.47 -10.18
C GLY A 25 2.56 36.25 -9.76
N THR A 26 1.63 35.84 -10.60
CA THR A 26 0.70 34.73 -10.36
C THR A 26 0.80 33.66 -11.45
N LEU A 27 0.66 32.39 -11.05
CA LEU A 27 0.61 31.31 -12.00
C LEU A 27 -0.71 30.51 -11.84
N THR A 28 -1.07 29.75 -12.87
CA THR A 28 -2.24 28.90 -12.86
C THR A 28 -1.73 27.48 -12.77
N ALA A 29 -1.97 26.83 -11.65
CA ALA A 29 -1.55 25.45 -11.46
C ALA A 29 -2.69 24.50 -11.89
N THR A 30 -2.35 23.42 -12.56
CA THR A 30 -3.32 22.42 -12.98
C THR A 30 -2.88 21.04 -12.50
N VAL A 31 -3.76 20.33 -11.81
CA VAL A 31 -3.49 18.96 -11.42
C VAL A 31 -4.45 18.12 -12.24
N ARG A 32 -3.93 17.10 -12.93
CA ARG A 32 -4.76 16.31 -13.82
C ARG A 32 -4.25 14.88 -13.89
N LEU A 33 -5.13 13.96 -14.32
CA LEU A 33 -4.78 12.57 -14.42
C LEU A 33 -3.72 12.39 -15.51
N ALA A 34 -2.71 11.58 -15.24
CA ALA A 34 -1.70 11.29 -16.23
C ALA A 34 -2.30 10.30 -17.25
N THR A 35 -1.88 10.44 -18.51
CA THR A 35 -2.21 9.52 -19.60
C THR A 35 -0.87 8.87 -20.06
N PRO A 36 -0.90 7.85 -20.95
CA PRO A 36 0.38 7.26 -21.41
C PRO A 36 1.34 8.28 -22.03
N ALA A 37 0.84 9.36 -22.63
CA ALA A 37 1.69 10.39 -23.20
C ALA A 37 2.57 11.10 -22.16
N ASP A 38 2.19 11.06 -20.88
CA ASP A 38 3.00 11.66 -19.82
C ASP A 38 4.14 10.77 -19.36
N ALA A 39 4.21 9.50 -19.82
CA ALA A 39 5.26 8.59 -19.38
C ALA A 39 6.69 9.18 -19.43
N PRO A 40 7.14 9.91 -20.48
CA PRO A 40 8.50 10.45 -20.46
C PRO A 40 8.74 11.52 -19.39
N SER A 41 7.74 12.39 -19.11
CA SER A 41 7.90 13.40 -18.08
C SER A 41 7.99 12.71 -16.71
N ILE A 42 7.16 11.67 -16.49
CA ILE A 42 7.11 10.94 -15.23
C ILE A 42 8.43 10.23 -15.01
N ALA A 43 9.00 9.58 -16.03
CA ALA A 43 10.31 8.91 -15.93
C ALA A 43 11.39 9.93 -15.47
N LYS A 44 11.42 11.15 -16.09
CA LYS A 44 12.32 12.24 -15.73
C LYS A 44 12.12 12.69 -14.29
N LEU A 45 10.86 12.85 -13.84
CA LEU A 45 10.57 13.29 -12.48
C LEU A 45 10.90 12.21 -11.44
N ILE A 46 10.73 10.93 -11.82
CA ILE A 46 11.08 9.82 -10.96
C ILE A 46 12.59 9.81 -10.75
N ARG A 47 13.36 10.00 -11.83
CA ARG A 47 14.82 10.06 -11.79
C ARG A 47 15.27 11.22 -10.91
N GLU A 48 14.66 12.42 -11.05
CA GLU A 48 15.01 13.55 -10.20
C GLU A 48 14.71 13.25 -8.73
N LEU A 49 13.59 12.56 -8.47
CA LEU A 49 13.20 12.22 -7.11
C LEU A 49 14.19 11.22 -6.49
N ALA A 50 14.72 10.30 -7.30
CA ALA A 50 15.68 9.32 -6.82
C ALA A 50 16.98 10.00 -6.41
N ASP A 51 17.41 11.04 -7.16
CA ASP A 51 18.61 11.84 -6.85
C ASP A 51 18.40 12.56 -5.52
N PHE A 52 17.23 13.17 -5.30
CA PHE A 52 16.93 13.87 -4.06
C PHE A 52 17.04 12.96 -2.84
N GLU A 53 16.62 11.70 -2.99
CA GLU A 53 16.72 10.74 -1.90
C GLU A 53 18.08 9.96 -1.89
N GLU A 54 19.00 10.33 -2.80
CA GLU A 54 20.32 9.74 -3.03
C GLU A 54 20.26 8.24 -3.32
N LEU A 55 19.15 7.79 -3.93
CA LEU A 55 18.90 6.41 -4.32
C LEU A 55 18.80 6.32 -5.85
N SER A 56 19.63 7.08 -6.59
CA SER A 56 19.64 7.07 -8.05
C SER A 56 20.11 5.73 -8.63
N HIS A 57 20.92 4.99 -7.88
CA HIS A 57 21.44 3.68 -8.26
C HIS A 57 20.33 2.62 -8.16
N ALA A 58 19.40 2.77 -7.19
CA ALA A 58 18.25 1.88 -7.01
C ALA A 58 17.11 2.16 -8.01
N CYS A 59 17.17 3.29 -8.73
CA CYS A 59 16.13 3.67 -9.67
C CYS A 59 16.43 3.17 -11.08
N VAL A 60 15.60 2.25 -11.57
CA VAL A 60 15.76 1.66 -12.90
C VAL A 60 14.53 1.89 -13.78
N VAL A 61 13.83 3.03 -13.57
CA VAL A 61 12.62 3.36 -14.33
C VAL A 61 12.91 3.69 -15.80
N THR A 62 12.04 3.22 -16.69
CA THR A 62 12.04 3.52 -18.12
C THR A 62 10.58 3.83 -18.53
N GLU A 63 10.39 4.46 -19.69
CA GLU A 63 9.06 4.76 -20.19
C GLU A 63 8.32 3.46 -20.51
N GLU A 64 9.03 2.45 -21.07
CA GLU A 64 8.39 1.18 -21.37
C GLU A 64 7.90 0.49 -20.12
N LYS A 65 8.63 0.63 -19.01
CA LYS A 65 8.21 0.04 -17.75
C LYS A 65 6.94 0.70 -17.25
N LEU A 66 6.80 2.02 -17.45
CA LEU A 66 5.60 2.74 -17.07
C LEU A 66 4.43 2.31 -17.94
N HIS A 67 4.67 2.11 -19.25
CA HIS A 67 3.63 1.64 -20.16
C HIS A 67 3.19 0.21 -19.84
N SER A 68 4.12 -0.63 -19.37
CA SER A 68 3.87 -2.02 -18.96
C SER A 68 3.19 -2.15 -17.61
N SER A 69 3.27 -1.12 -16.74
CA SER A 69 2.73 -1.25 -15.38
C SER A 69 1.58 -0.28 -15.01
N LEU A 70 1.56 0.91 -15.60
CA LEU A 70 0.50 1.90 -15.34
C LEU A 70 -0.54 1.89 -16.46
N TRP A 71 -1.71 2.53 -16.23
CA TRP A 71 -2.80 2.64 -17.21
C TRP A 71 -3.36 1.27 -17.63
N LYS A 72 -3.32 0.31 -16.73
CA LYS A 72 -3.87 -1.02 -16.95
C LYS A 72 -5.29 -1.10 -16.37
N LEU A 73 -5.52 -0.45 -15.23
CA LEU A 73 -6.79 -0.41 -14.51
C LEU A 73 -7.40 1.00 -14.54
N PRO A 74 -8.70 1.17 -14.23
CA PRO A 74 -9.27 2.52 -14.19
C PRO A 74 -8.54 3.37 -13.14
N PRO A 75 -8.51 4.70 -13.33
CA PRO A 75 -7.86 5.56 -12.33
C PRO A 75 -8.49 5.37 -10.96
N PHE A 76 -7.69 5.54 -9.90
CA PHE A 76 -8.09 5.39 -8.50
C PHE A 76 -8.42 3.93 -8.10
N GLN A 77 -8.26 2.97 -9.03
CA GLN A 77 -8.50 1.56 -8.76
C GLN A 77 -7.19 0.73 -8.74
N GLY A 78 -6.10 1.34 -9.14
CA GLY A 78 -4.76 0.77 -9.14
C GLY A 78 -3.76 1.91 -9.04
N PRO A 79 -2.49 1.65 -9.39
CA PRO A 79 -1.49 2.75 -9.33
C PRO A 79 -1.87 3.87 -10.30
N THR A 80 -2.13 5.07 -9.76
CA THR A 80 -2.62 6.22 -10.52
C THR A 80 -1.70 7.41 -10.33
N VAL A 81 -1.46 8.17 -11.39
CA VAL A 81 -0.57 9.31 -11.33
C VAL A 81 -1.32 10.60 -11.66
N LEU A 82 -1.07 11.67 -10.91
CA LEU A 82 -1.57 12.99 -11.25
C LEU A 82 -0.35 13.85 -11.59
N MET A 83 -0.42 14.59 -12.74
CA MET A 83 0.59 15.52 -13.18
C MET A 83 0.24 16.90 -12.64
N LEU A 84 1.25 17.70 -12.36
CA LEU A 84 1.10 19.09 -11.88
C LEU A 84 1.81 19.94 -12.89
N GLU A 85 1.06 20.82 -13.54
CA GLU A 85 1.63 21.69 -14.56
C GLU A 85 1.23 23.12 -14.32
N VAL A 86 2.07 24.08 -14.71
CA VAL A 86 1.76 25.50 -14.50
C VAL A 86 1.84 26.31 -15.80
N CYS A 87 1.22 27.47 -15.80
CA CYS A 87 1.28 28.47 -16.85
C CYS A 87 0.99 29.82 -16.19
N GLN A 88 1.02 30.91 -16.96
CA GLN A 88 0.71 32.21 -16.39
C GLN A 88 -0.44 32.88 -17.09
N GLN A 89 -1.11 33.79 -16.39
CA GLN A 89 -2.12 34.64 -17.00
C GLN A 89 -1.70 36.09 -16.76
N VAL A 106 -14.29 10.79 -13.88
CA VAL A 106 -13.64 10.25 -12.69
C VAL A 106 -12.93 11.34 -11.89
N PHE A 107 -12.10 12.13 -12.57
CA PHE A 107 -11.36 13.20 -11.94
C PHE A 107 -11.25 14.35 -12.89
N GLU A 108 -11.98 15.43 -12.62
CA GLU A 108 -11.84 16.60 -13.47
C GLU A 108 -10.58 17.35 -13.02
N PRO A 109 -9.83 17.95 -13.97
CA PRO A 109 -8.61 18.68 -13.58
C PRO A 109 -8.87 19.75 -12.52
N ILE A 110 -7.94 19.93 -11.61
CA ILE A 110 -8.03 20.91 -10.55
C ILE A 110 -7.21 22.11 -10.98
N VAL A 111 -7.83 23.29 -11.04
CA VAL A 111 -7.16 24.48 -11.49
C VAL A 111 -7.21 25.54 -10.40
N ARG A 112 -6.04 26.01 -9.97
CA ARG A 112 -5.96 27.00 -8.90
C ARG A 112 -4.86 28.04 -9.22
N SER A 113 -5.08 29.29 -8.85
CA SER A 113 -4.11 30.38 -9.01
C SER A 113 -3.16 30.38 -7.79
N VAL A 114 -1.90 30.70 -8.02
CA VAL A 114 -0.88 30.75 -6.97
C VAL A 114 -0.07 32.04 -7.09
N VAL A 115 -0.04 32.86 -6.04
CA VAL A 115 0.78 34.05 -6.05
C VAL A 115 2.16 33.57 -5.66
N LEU A 116 3.14 33.74 -6.52
CA LEU A 116 4.50 33.28 -6.25
C LEU A 116 5.12 33.95 -5.02
N LYS A 117 5.69 33.14 -4.12
CA LYS A 117 6.36 33.65 -2.92
C LYS A 117 7.58 34.47 -3.36
N ASN A 118 8.34 33.93 -4.31
CA ASN A 118 9.51 34.58 -4.92
C ASN A 118 9.53 34.31 -6.42
N PRO A 119 10.19 35.13 -7.27
CA PRO A 119 10.23 34.82 -8.73
C PRO A 119 10.83 33.43 -9.00
N ILE A 120 10.39 32.80 -10.09
CA ILE A 120 10.84 31.43 -10.39
C ILE A 120 11.78 31.39 -11.57
N ASP A 121 12.98 30.88 -11.32
CA ASP A 121 13.97 30.74 -12.36
C ASP A 121 13.98 29.29 -12.75
N ASP A 122 13.36 28.97 -13.88
CA ASP A 122 13.32 27.58 -14.33
C ASP A 122 14.16 27.45 -15.56
N SER A 123 15.36 26.92 -15.41
CA SER A 123 16.28 26.73 -16.53
C SER A 123 16.04 25.41 -17.29
N ALA A 124 14.94 24.70 -17.01
CA ALA A 124 14.65 23.42 -17.68
C ALA A 124 13.22 23.35 -18.24
N ARG A 125 12.54 24.49 -18.40
CA ARG A 125 11.15 24.51 -18.88
C ARG A 125 10.94 23.89 -20.26
N GLU A 126 11.90 24.05 -21.19
CA GLU A 126 11.77 23.44 -22.52
C GLU A 126 11.83 21.92 -22.49
N GLY A 127 12.49 21.35 -21.49
CA GLY A 127 12.54 19.91 -21.31
C GLY A 127 11.31 19.34 -20.61
N PHE A 128 10.50 20.22 -20.00
CA PHE A 128 9.30 19.82 -19.30
C PHE A 128 8.03 20.41 -19.92
N ARG A 129 8.03 20.71 -21.22
CA ARG A 129 6.85 21.25 -21.90
C ARG A 129 5.73 20.21 -21.85
N SER A 130 4.51 20.61 -21.46
CA SER A 130 3.41 19.63 -21.33
C SER A 130 2.96 19.05 -22.66
N PRO A 131 2.79 17.72 -22.76
CA PRO A 131 2.30 17.14 -24.02
C PRO A 131 0.81 17.39 -24.25
N SER A 132 0.02 17.65 -23.18
CA SER A 132 -1.42 17.88 -23.21
C SER A 132 -1.77 19.30 -23.66
N THR A 133 -1.18 20.31 -23.01
CA THR A 133 -1.38 21.70 -23.40
C THR A 133 0.03 22.23 -23.55
N GLY A 134 0.50 22.35 -24.80
CA GLY A 134 1.83 22.83 -25.15
C GLY A 134 2.33 24.01 -24.34
N THR A 135 1.44 24.96 -24.03
CA THR A 135 1.79 26.13 -23.24
C THR A 135 1.79 25.94 -21.71
N HIS A 136 2.00 24.71 -21.23
CA HIS A 136 2.11 24.47 -19.79
C HIS A 136 3.49 23.86 -19.52
N THR A 137 3.99 24.03 -18.31
CA THR A 137 5.26 23.42 -17.93
C THR A 137 4.97 22.36 -16.84
N THR A 138 5.48 21.16 -17.01
CA THR A 138 5.33 20.12 -16.03
C THR A 138 6.29 20.39 -14.90
N VAL A 139 5.78 20.48 -13.68
CA VAL A 139 6.65 20.73 -12.53
C VAL A 139 6.53 19.67 -11.43
N GLY A 140 5.62 18.70 -11.56
CA GLY A 140 5.43 17.70 -10.53
C GLY A 140 4.49 16.58 -10.88
N PHE A 141 4.42 15.64 -9.97
CA PHE A 141 3.64 14.43 -10.10
C PHE A 141 3.42 13.81 -8.75
N VAL A 142 2.38 13.02 -8.66
CA VAL A 142 2.12 12.23 -7.46
C VAL A 142 1.65 10.86 -7.94
N LEU A 143 2.11 9.81 -7.32
CA LEU A 143 1.71 8.45 -7.63
C LEU A 143 1.13 7.88 -6.36
N PHE A 144 -0.05 7.28 -6.49
CA PHE A 144 -0.73 6.71 -5.36
C PHE A 144 -1.58 5.52 -5.82
N PHE A 145 -2.01 4.71 -4.87
CA PHE A 145 -2.80 3.53 -5.14
C PHE A 145 -3.66 3.24 -3.93
N PRO A 146 -4.74 2.46 -4.10
CA PRO A 146 -5.57 2.12 -2.94
C PRO A 146 -4.82 1.23 -1.93
N ASN A 147 -5.22 1.32 -0.68
CA ASN A 147 -4.75 0.45 0.39
C ASN A 147 -6.00 0.01 1.22
N TYR A 148 -5.82 -0.63 2.38
CA TYR A 148 -6.93 -1.16 3.11
C TYR A 148 -6.67 -1.23 4.59
N SER A 149 -7.65 -0.80 5.36
CA SER A 149 -7.58 -0.85 6.80
C SER A 149 -8.41 -2.05 7.26
N THR A 150 -7.77 -3.02 7.89
CA THR A 150 -8.43 -4.22 8.37
C THR A 150 -9.40 -3.90 9.53
N PHE A 151 -9.02 -2.94 10.38
CA PHE A 151 -9.81 -2.56 11.55
C PHE A 151 -10.97 -1.66 11.20
N LEU A 152 -10.83 -0.85 10.15
CA LEU A 152 -11.95 -0.06 9.66
C LEU A 152 -12.83 -0.88 8.68
N ALA A 153 -12.28 -2.00 8.11
CA ALA A 153 -12.86 -2.84 7.05
C ALA A 153 -13.28 -1.91 5.90
N LYS A 154 -12.35 -1.05 5.50
CA LYS A 154 -12.56 -0.01 4.52
C LYS A 154 -11.26 0.28 3.77
N GLY A 155 -11.38 0.52 2.48
CA GLY A 155 -10.23 0.89 1.67
C GLY A 155 -9.87 2.36 1.84
N GLY A 156 -8.60 2.66 1.67
CA GLY A 156 -8.10 4.02 1.69
C GLY A 156 -7.17 4.23 0.52
N TYR A 157 -6.27 5.19 0.64
CA TYR A 157 -5.27 5.45 -0.40
C TYR A 157 -3.92 5.62 0.20
N TYR A 158 -2.90 5.17 -0.50
CA TYR A 158 -1.52 5.31 -0.09
C TYR A 158 -0.82 6.12 -1.15
N ILE A 159 -0.12 7.18 -0.72
CA ILE A 159 0.65 8.01 -1.63
C ILE A 159 2.08 7.49 -1.62
N GLU A 160 2.52 6.92 -2.72
CA GLU A 160 3.87 6.35 -2.86
C GLU A 160 4.95 7.44 -3.12
N ASP A 161 4.67 8.38 -4.02
CA ASP A 161 5.64 9.42 -4.36
C ASP A 161 4.98 10.75 -4.66
N LEU A 162 5.60 11.81 -4.23
CA LEU A 162 5.13 13.19 -4.39
C LEU A 162 6.39 14.00 -4.62
N TYR A 163 6.45 14.68 -5.76
CA TYR A 163 7.62 15.41 -6.15
C TYR A 163 7.28 16.68 -6.93
N VAL A 164 7.97 17.77 -6.60
CA VAL A 164 7.85 19.08 -7.23
C VAL A 164 9.28 19.49 -7.61
N ARG A 165 9.50 19.91 -8.88
CA ARG A 165 10.80 20.34 -9.35
C ARG A 165 11.34 21.49 -8.51
N LYS A 166 12.65 21.48 -8.25
CA LYS A 166 13.36 22.46 -7.41
C LYS A 166 12.93 23.91 -7.58
N PRO A 167 12.86 24.48 -8.81
CA PRO A 167 12.45 25.88 -8.92
C PRO A 167 11.05 26.20 -8.47
N TYR A 168 10.18 25.19 -8.33
CA TYR A 168 8.78 25.41 -8.01
C TYR A 168 8.38 25.11 -6.55
N ARG A 169 9.35 24.69 -5.71
CA ARG A 169 9.07 24.38 -4.31
C ARG A 169 8.85 25.63 -3.44
N GLY A 170 8.15 25.47 -2.33
CA GLY A 170 8.00 26.55 -1.36
C GLY A 170 7.09 27.69 -1.75
N THR A 171 6.14 27.46 -2.65
CA THR A 171 5.19 28.51 -3.01
C THR A 171 3.73 27.99 -3.04
N GLY A 172 3.48 26.79 -2.50
CA GLY A 172 2.15 26.22 -2.39
C GLY A 172 1.78 25.16 -3.40
N LEU A 173 2.71 24.80 -4.32
CA LEU A 173 2.38 23.83 -5.37
C LEU A 173 2.28 22.39 -4.85
N GLY A 174 3.20 21.97 -3.99
CA GLY A 174 3.15 20.63 -3.40
C GLY A 174 1.87 20.41 -2.60
N THR A 175 1.40 21.47 -1.90
CA THR A 175 0.16 21.45 -1.14
C THR A 175 -1.02 21.22 -2.04
N ILE A 176 -1.11 21.94 -3.19
CA ILE A 176 -2.20 21.75 -4.13
C ILE A 176 -2.24 20.29 -4.63
N LEU A 177 -1.09 19.78 -5.00
CA LEU A 177 -0.97 18.45 -5.53
C LEU A 177 -1.43 17.37 -4.52
N LEU A 178 -0.94 17.43 -3.29
CA LEU A 178 -1.32 16.45 -2.27
C LEU A 178 -2.82 16.61 -1.94
N LYS A 179 -3.28 17.88 -1.79
CA LYS A 179 -4.68 18.15 -1.50
C LYS A 179 -5.61 17.62 -2.58
N SER A 180 -5.15 17.53 -3.84
CA SER A 180 -5.92 17.02 -4.97
C SER A 180 -6.21 15.52 -4.80
N VAL A 181 -5.19 14.76 -4.36
CA VAL A 181 -5.32 13.33 -4.06
C VAL A 181 -6.27 13.14 -2.88
N VAL A 182 -6.09 13.90 -1.78
CA VAL A 182 -6.92 13.81 -0.59
C VAL A 182 -8.37 14.11 -0.94
N GLN A 183 -8.57 15.12 -1.83
CA GLN A 183 -9.88 15.50 -2.32
C GLN A 183 -10.59 14.37 -3.02
N GLN A 184 -9.91 13.69 -3.94
CA GLN A 184 -10.52 12.58 -4.68
C GLN A 184 -10.74 11.41 -3.77
N ALA A 185 -9.77 11.11 -2.87
CA ALA A 185 -9.89 10.01 -1.89
C ALA A 185 -11.12 10.17 -1.04
N LYS A 186 -11.42 11.39 -0.59
CA LYS A 186 -12.61 11.67 0.21
C LYS A 186 -13.87 11.50 -0.61
N LYS A 187 -13.83 11.92 -1.89
CA LYS A 187 -14.96 11.71 -2.82
C LYS A 187 -15.23 10.18 -2.96
N LEU A 188 -14.18 9.37 -2.93
CA LEU A 188 -14.30 7.92 -3.01
C LEU A 188 -14.51 7.25 -1.64
N ARG A 189 -14.82 8.06 -0.59
CA ARG A 189 -15.11 7.65 0.78
C ARG A 189 -13.97 6.91 1.48
N ALA A 190 -12.70 7.29 1.20
CA ALA A 190 -11.54 6.67 1.85
C ALA A 190 -11.54 6.89 3.36
N GLY A 191 -11.12 5.88 4.13
CA GLY A 191 -11.06 6.01 5.58
C GLY A 191 -9.83 6.80 6.01
N ARG A 192 -8.72 6.52 5.36
CA ARG A 192 -7.45 7.14 5.64
C ARG A 192 -6.73 7.42 4.34
N VAL A 193 -5.86 8.40 4.38
CA VAL A 193 -4.89 8.61 3.33
C VAL A 193 -3.56 8.45 4.02
N GLU A 194 -2.68 7.60 3.50
CA GLU A 194 -1.39 7.36 4.13
C GLU A 194 -0.26 7.52 3.19
N TRP A 195 0.92 7.72 3.70
CA TRP A 195 2.15 7.83 2.89
C TRP A 195 3.33 7.61 3.80
N CYS A 196 4.53 7.44 3.24
CA CYS A 196 5.70 7.26 4.08
C CYS A 196 6.58 8.49 4.04
N VAL A 197 7.46 8.60 5.03
CA VAL A 197 8.41 9.68 5.05
C VAL A 197 9.72 9.26 5.69
N LEU A 198 10.86 9.59 5.01
CA LEU A 198 12.22 9.37 5.56
C LEU A 198 12.29 10.30 6.75
N ASP A 199 12.67 9.77 7.91
CA ASP A 199 12.64 10.59 9.10
C ASP A 199 13.62 11.81 9.02
N TRP A 200 14.57 11.81 8.08
CA TRP A 200 15.49 12.95 7.93
C TRP A 200 15.00 14.02 6.95
N ASN A 201 13.85 13.79 6.29
CA ASN A 201 13.31 14.74 5.33
C ASN A 201 12.39 15.62 6.12
N VAL A 202 12.97 16.37 7.03
CA VAL A 202 12.27 17.27 7.94
C VAL A 202 11.43 18.34 7.22
N ASN A 203 11.85 18.69 5.99
CA ASN A 203 11.16 19.62 5.13
C ASN A 203 9.81 18.98 4.74
N ALA A 204 9.83 17.69 4.34
CA ALA A 204 8.59 16.97 4.05
C ALA A 204 7.83 16.70 5.35
N ILE A 205 8.50 16.36 6.48
CA ILE A 205 7.80 16.16 7.76
C ILE A 205 6.95 17.34 8.13
N LYS A 206 7.56 18.54 8.26
CA LYS A 206 6.86 19.76 8.57
C LYS A 206 5.72 20.04 7.60
N PHE A 207 5.93 19.82 6.27
CA PHE A 207 4.94 20.00 5.20
C PHE A 207 3.71 19.14 5.38
N TYR A 208 3.91 17.82 5.64
CA TYR A 208 2.90 16.79 5.91
C TYR A 208 2.15 17.09 7.24
N GLU A 209 2.89 17.37 8.34
CA GLU A 209 2.23 17.70 9.61
C GLU A 209 1.50 19.08 9.51
N GLY A 210 1.91 19.93 8.57
CA GLY A 210 1.23 21.20 8.34
C GLY A 210 -0.14 20.99 7.68
N LEU A 211 -0.46 19.75 7.31
CA LEU A 211 -1.73 19.41 6.71
C LEU A 211 -2.62 18.54 7.64
N GLY A 212 -2.25 18.36 8.90
CA GLY A 212 -3.02 17.57 9.86
C GLY A 212 -2.62 16.08 9.93
N ALA A 213 -1.59 15.67 9.16
CA ALA A 213 -1.18 14.26 9.20
C ALA A 213 -0.38 13.95 10.45
N LYS A 214 -0.46 12.70 10.90
CA LYS A 214 0.27 12.21 12.06
C LYS A 214 1.43 11.30 11.58
N VAL A 215 2.67 11.61 12.00
CA VAL A 215 3.81 10.77 11.65
C VAL A 215 3.86 9.69 12.73
N MET A 216 3.65 8.42 12.37
CA MET A 216 3.64 7.35 13.35
C MET A 216 5.04 6.85 13.67
N PRO A 217 5.41 6.85 14.96
CA PRO A 217 6.78 6.46 15.30
C PRO A 217 6.99 4.98 15.56
N GLU A 218 5.91 4.18 15.69
CA GLU A 218 6.05 2.78 16.06
C GLU A 218 6.08 1.79 14.92
N TRP A 219 5.92 2.24 13.67
CA TRP A 219 5.90 1.33 12.53
C TRP A 219 7.17 1.38 11.71
N ARG A 220 7.61 0.21 11.24
CA ARG A 220 8.78 0.05 10.39
C ARG A 220 8.37 -0.77 9.17
N ILE A 221 8.84 -0.41 7.97
CA ILE A 221 8.52 -1.16 6.78
C ILE A 221 9.51 -2.31 6.63
N CYS A 222 9.03 -3.51 6.28
CA CYS A 222 9.84 -4.69 5.97
C CYS A 222 9.71 -4.93 4.47
N ARG A 223 10.82 -5.25 3.81
CA ARG A 223 10.80 -5.46 2.37
C ARG A 223 11.53 -6.71 2.00
N LEU A 224 10.87 -7.57 1.24
CA LEU A 224 11.46 -8.78 0.72
C LEU A 224 11.53 -8.52 -0.80
N THR A 225 12.74 -8.52 -1.35
CA THR A 225 12.97 -8.19 -2.76
C THR A 225 14.28 -8.85 -3.28
N GLY A 226 14.57 -8.68 -4.57
CA GLY A 226 15.78 -9.19 -5.18
C GLY A 226 15.96 -10.68 -4.99
N GLU A 227 17.16 -11.06 -4.58
CA GLU A 227 17.54 -12.45 -4.36
C GLU A 227 16.74 -13.10 -3.26
N ALA A 228 16.53 -12.39 -2.14
CA ALA A 228 15.81 -12.94 -0.98
C ALA A 228 14.36 -13.32 -1.30
N LEU A 229 13.68 -12.52 -2.15
CA LEU A 229 12.32 -12.76 -2.59
C LEU A 229 12.30 -14.02 -3.46
N GLU A 230 13.25 -14.13 -4.40
CA GLU A 230 13.35 -15.29 -5.25
C GLU A 230 13.70 -16.55 -4.47
N ALA A 231 14.50 -16.41 -3.41
CA ALA A 231 14.90 -17.53 -2.55
C ALA A 231 13.80 -17.95 -1.58
N CYS A 232 12.86 -17.05 -1.23
CA CYS A 232 11.76 -17.36 -0.31
C CYS A 232 10.79 -18.35 -0.95
N ALA A 233 10.76 -19.59 -0.45
CA ALA A 233 9.87 -20.61 -1.04
C ALA A 233 9.25 -21.56 -0.01
N LEU A 234 8.08 -22.12 -0.33
CA LEU A 234 7.43 -23.06 0.56
C LEU A 234 8.21 -24.37 0.62
N ALA B 22 -5.18 -32.72 22.28
CA ALA B 22 -6.26 -33.51 21.67
C ALA B 22 -5.92 -33.85 20.21
N MET B 23 -5.59 -32.84 19.37
CA MET B 23 -5.20 -33.04 17.97
C MET B 23 -3.70 -33.39 17.98
N GLU B 24 -3.33 -34.56 17.44
CA GLU B 24 -1.94 -34.99 17.44
C GLU B 24 -1.44 -35.44 16.04
N GLY B 25 -0.13 -35.69 15.95
CA GLY B 25 0.53 -36.17 14.75
C GLY B 25 0.64 -35.16 13.64
N THR B 26 -0.06 -35.40 12.55
CA THR B 26 -0.01 -34.53 11.38
C THR B 26 -1.38 -34.01 11.00
N LEU B 27 -1.44 -32.76 10.60
CA LEU B 27 -2.65 -32.19 10.05
C LEU B 27 -2.42 -31.82 8.56
N THR B 28 -3.49 -31.57 7.82
CA THR B 28 -3.41 -31.09 6.45
C THR B 28 -3.81 -29.63 6.50
N ALA B 29 -2.91 -28.74 6.04
CA ALA B 29 -3.14 -27.30 6.06
C ALA B 29 -3.47 -26.85 4.67
N THR B 30 -4.53 -26.07 4.52
CA THR B 30 -4.96 -25.54 3.24
C THR B 30 -5.01 -24.05 3.28
N VAL B 31 -4.42 -23.39 2.28
CA VAL B 31 -4.44 -21.94 2.09
C VAL B 31 -5.20 -21.75 0.80
N ARG B 32 -6.29 -21.02 0.87
CA ARG B 32 -7.13 -20.80 -0.29
C ARG B 32 -7.63 -19.37 -0.31
N LEU B 33 -8.10 -18.88 -1.45
CA LEU B 33 -8.67 -17.55 -1.57
C LEU B 33 -9.98 -17.52 -0.80
N ALA B 34 -10.17 -16.43 -0.07
CA ALA B 34 -11.41 -16.19 0.62
C ALA B 34 -12.47 -15.85 -0.40
N THR B 35 -13.71 -16.29 -0.19
CA THR B 35 -14.84 -15.86 -1.00
C THR B 35 -15.76 -15.07 -0.07
N PRO B 36 -16.82 -14.41 -0.59
CA PRO B 36 -17.75 -13.71 0.31
C PRO B 36 -18.35 -14.59 1.42
N ALA B 37 -18.39 -15.94 1.26
CA ALA B 37 -18.87 -16.85 2.29
C ALA B 37 -17.95 -16.92 3.54
N ASP B 38 -16.70 -16.41 3.43
CA ASP B 38 -15.75 -16.36 4.56
C ASP B 38 -15.87 -15.11 5.42
N ALA B 39 -16.67 -14.13 5.02
CA ALA B 39 -16.85 -12.90 5.79
C ALA B 39 -17.15 -13.12 7.29
N PRO B 40 -18.00 -14.08 7.72
CA PRO B 40 -18.23 -14.24 9.17
C PRO B 40 -16.99 -14.70 9.93
N SER B 41 -16.17 -15.55 9.31
CA SER B 41 -14.94 -16.02 9.96
C SER B 41 -13.89 -14.92 9.94
N ILE B 42 -13.77 -14.18 8.83
CA ILE B 42 -12.82 -13.08 8.67
C ILE B 42 -13.11 -11.98 9.70
N ALA B 43 -14.38 -11.65 9.93
CA ALA B 43 -14.73 -10.63 10.93
C ALA B 43 -14.36 -11.14 12.35
N LYS B 44 -14.62 -12.43 12.68
CA LYS B 44 -14.26 -13.04 13.97
C LYS B 44 -12.73 -13.00 14.14
N LEU B 45 -11.98 -13.34 13.08
CA LEU B 45 -10.51 -13.37 13.11
C LEU B 45 -9.93 -11.97 13.22
N ILE B 46 -10.58 -10.97 12.60
CA ILE B 46 -10.13 -9.57 12.73
C ILE B 46 -10.39 -9.07 14.16
N ARG B 47 -11.49 -9.49 14.78
CA ARG B 47 -11.77 -9.09 16.18
C ARG B 47 -10.75 -9.70 17.11
N GLU B 48 -10.37 -10.97 16.87
CA GLU B 48 -9.36 -11.66 17.67
C GLU B 48 -8.02 -10.95 17.52
N LEU B 49 -7.66 -10.55 16.28
CA LEU B 49 -6.42 -9.85 15.99
C LEU B 49 -6.39 -8.51 16.71
N ALA B 50 -7.47 -7.72 16.63
CA ALA B 50 -7.56 -6.44 17.33
C ALA B 50 -7.43 -6.65 18.83
N ASP B 51 -8.08 -7.71 19.36
CA ASP B 51 -8.01 -8.11 20.77
C ASP B 51 -6.58 -8.44 21.18
N PHE B 52 -5.82 -9.08 20.30
CA PHE B 52 -4.43 -9.46 20.55
C PHE B 52 -3.56 -8.20 20.63
N GLU B 53 -3.75 -7.28 19.68
CA GLU B 53 -3.00 -6.03 19.64
C GLU B 53 -3.57 -4.96 20.59
N GLU B 54 -4.64 -5.29 21.30
CA GLU B 54 -5.39 -4.50 22.27
C GLU B 54 -5.87 -3.20 21.71
N LEU B 55 -6.41 -3.28 20.48
CA LEU B 55 -6.99 -2.14 19.75
C LEU B 55 -8.45 -2.41 19.37
N SER B 56 -9.16 -3.26 20.14
CA SER B 56 -10.54 -3.66 19.86
C SER B 56 -11.54 -2.50 19.76
N HIS B 57 -11.33 -1.42 20.52
CA HIS B 57 -12.21 -0.25 20.46
C HIS B 57 -12.04 0.47 19.11
N ALA B 58 -10.82 0.51 18.57
CA ALA B 58 -10.57 1.09 17.25
C ALA B 58 -10.96 0.14 16.08
N CYS B 59 -11.50 -1.05 16.40
CA CYS B 59 -11.91 -2.06 15.44
C CYS B 59 -13.41 -2.06 15.27
N VAL B 60 -13.87 -1.64 14.08
CA VAL B 60 -15.28 -1.50 13.76
C VAL B 60 -15.76 -2.45 12.65
N VAL B 61 -15.01 -3.54 12.42
CA VAL B 61 -15.32 -4.52 11.39
C VAL B 61 -16.66 -5.21 11.63
N THR B 62 -17.44 -5.34 10.57
CA THR B 62 -18.71 -6.07 10.55
C THR B 62 -18.70 -6.88 9.25
N GLU B 63 -19.57 -7.91 9.11
CA GLU B 63 -19.64 -8.67 7.86
C GLU B 63 -20.11 -7.76 6.73
N GLU B 64 -21.05 -6.85 6.99
CA GLU B 64 -21.57 -5.90 6.01
C GLU B 64 -20.46 -5.01 5.42
N LYS B 65 -19.55 -4.51 6.29
CA LYS B 65 -18.41 -3.73 5.86
C LYS B 65 -17.51 -4.55 4.95
N LEU B 66 -17.29 -5.82 5.31
CA LEU B 66 -16.49 -6.73 4.47
C LEU B 66 -17.14 -6.92 3.12
N HIS B 67 -18.49 -7.15 3.09
CA HIS B 67 -19.23 -7.31 1.86
C HIS B 67 -19.18 -6.05 1.00
N SER B 68 -19.10 -4.86 1.61
CA SER B 68 -19.03 -3.59 0.88
C SER B 68 -17.62 -3.24 0.41
N SER B 69 -16.57 -3.83 1.00
CA SER B 69 -15.21 -3.42 0.64
C SER B 69 -14.36 -4.49 -0.05
N LEU B 70 -14.71 -5.76 0.13
CA LEU B 70 -13.95 -6.88 -0.42
C LEU B 70 -14.71 -7.58 -1.53
N TRP B 71 -14.02 -8.44 -2.30
CA TRP B 71 -14.62 -9.23 -3.38
C TRP B 71 -15.30 -8.38 -4.45
N LYS B 72 -14.74 -7.20 -4.69
CA LYS B 72 -15.24 -6.25 -5.69
C LYS B 72 -14.39 -6.28 -6.97
N LEU B 73 -13.10 -6.61 -6.84
CA LEU B 73 -12.16 -6.65 -7.96
C LEU B 73 -11.55 -8.06 -8.07
N PRO B 74 -11.00 -8.47 -9.23
CA PRO B 74 -10.41 -9.81 -9.34
C PRO B 74 -9.33 -10.05 -8.28
N PRO B 75 -9.23 -11.27 -7.75
CA PRO B 75 -8.23 -11.52 -6.70
C PRO B 75 -6.81 -11.17 -7.16
N PHE B 76 -5.97 -10.67 -6.24
CA PHE B 76 -4.60 -10.21 -6.55
C PHE B 76 -4.58 -8.84 -7.32
N GLN B 77 -5.76 -8.24 -7.58
CA GLN B 77 -5.87 -6.94 -8.25
C GLN B 77 -6.38 -5.83 -7.33
N GLY B 78 -6.72 -6.17 -6.10
CA GLY B 78 -7.20 -5.28 -5.04
C GLY B 78 -7.03 -5.96 -3.69
N PRO B 79 -7.73 -5.51 -2.65
CA PRO B 79 -7.60 -6.16 -1.34
C PRO B 79 -8.07 -7.62 -1.40
N THR B 80 -7.17 -8.53 -1.07
CA THR B 80 -7.42 -9.96 -1.20
C THR B 80 -7.13 -10.67 0.11
N VAL B 81 -7.94 -11.64 0.48
CA VAL B 81 -7.76 -12.39 1.70
C VAL B 81 -7.52 -13.88 1.33
N LEU B 82 -6.55 -14.54 1.97
CA LEU B 82 -6.38 -15.98 1.80
C LEU B 82 -6.76 -16.56 3.18
N MET B 83 -7.54 -17.63 3.18
CA MET B 83 -7.94 -18.29 4.43
C MET B 83 -6.96 -19.40 4.68
N LEU B 84 -6.69 -19.69 5.95
CA LEU B 84 -5.87 -20.82 6.33
C LEU B 84 -6.76 -21.74 7.18
N GLU B 85 -6.89 -22.99 6.73
CA GLU B 85 -7.69 -23.96 7.45
C GLU B 85 -6.95 -25.26 7.65
N VAL B 86 -7.37 -26.07 8.65
CA VAL B 86 -6.74 -27.37 8.91
C VAL B 86 -7.79 -28.50 8.97
N CYS B 87 -7.32 -29.74 8.80
CA CYS B 87 -8.12 -30.96 8.88
C CYS B 87 -7.16 -32.14 9.12
N GLN B 88 -7.72 -33.32 9.35
CA GLN B 88 -6.92 -34.54 9.47
C GLN B 88 -7.49 -35.52 8.48
N GLN B 89 -6.68 -35.90 7.48
CA GLN B 89 -7.14 -36.77 6.41
C GLN B 89 -7.10 -38.23 6.84
N VAL B 106 -4.74 -16.72 -11.48
CA VAL B 106 -5.62 -17.23 -10.43
C VAL B 106 -4.82 -17.90 -9.28
N PHE B 107 -5.52 -18.29 -8.21
CA PHE B 107 -4.88 -18.94 -7.09
C PHE B 107 -5.44 -20.33 -6.93
N GLU B 108 -4.57 -21.33 -7.03
CA GLU B 108 -4.96 -22.70 -6.74
C GLU B 108 -4.60 -22.97 -5.28
N PRO B 109 -5.45 -23.70 -4.52
CA PRO B 109 -5.14 -23.91 -3.08
C PRO B 109 -3.83 -24.61 -2.80
N ILE B 110 -3.15 -24.15 -1.78
CA ILE B 110 -1.91 -24.75 -1.33
C ILE B 110 -2.29 -25.71 -0.23
N VAL B 111 -1.98 -26.99 -0.44
CA VAL B 111 -2.30 -28.01 0.54
C VAL B 111 -0.99 -28.64 1.00
N ARG B 112 -0.71 -28.58 2.30
CA ARG B 112 0.55 -29.11 2.82
C ARG B 112 0.31 -29.93 4.06
N SER B 113 1.10 -30.98 4.26
CA SER B 113 1.04 -31.74 5.49
C SER B 113 1.90 -31.00 6.53
N VAL B 114 1.45 -30.95 7.79
CA VAL B 114 2.19 -30.27 8.83
C VAL B 114 2.36 -31.18 10.03
N VAL B 115 3.62 -31.42 10.42
CA VAL B 115 3.88 -32.20 11.61
C VAL B 115 3.63 -31.31 12.83
N LEU B 116 2.74 -31.73 13.74
CA LEU B 116 2.44 -30.93 14.93
C LEU B 116 3.59 -30.91 15.91
N LYS B 117 4.10 -29.72 16.22
CA LYS B 117 5.16 -29.60 17.19
C LYS B 117 4.64 -29.89 18.61
N ASN B 118 3.35 -29.68 18.87
CA ASN B 118 2.74 -29.94 20.16
C ASN B 118 1.30 -30.42 19.93
N PRO B 119 0.69 -31.15 20.89
CA PRO B 119 -0.75 -31.48 20.76
C PRO B 119 -1.58 -30.18 20.74
N ILE B 120 -2.67 -30.16 19.99
CA ILE B 120 -3.50 -28.96 19.89
C ILE B 120 -4.85 -29.16 20.52
N ASP B 121 -5.20 -28.27 21.45
CA ASP B 121 -6.53 -28.30 22.03
C ASP B 121 -7.23 -27.04 21.64
N ASP B 122 -8.25 -27.18 20.81
CA ASP B 122 -9.00 -26.05 20.31
C ASP B 122 -10.47 -26.14 20.74
N SER B 123 -10.85 -25.33 21.73
CA SER B 123 -12.22 -25.30 22.23
C SER B 123 -13.16 -24.42 21.41
N ALA B 124 -12.60 -23.58 20.51
CA ALA B 124 -13.34 -22.74 19.60
C ALA B 124 -13.61 -23.41 18.24
N ARG B 125 -13.23 -24.70 18.08
CA ARG B 125 -13.35 -25.48 16.87
C ARG B 125 -14.73 -25.39 16.20
N GLU B 126 -15.80 -25.58 16.96
CA GLU B 126 -17.17 -25.52 16.44
C GLU B 126 -17.58 -24.13 15.93
N GLY B 127 -16.97 -23.09 16.50
CA GLY B 127 -17.22 -21.72 16.07
C GLY B 127 -16.43 -21.30 14.84
N PHE B 128 -15.45 -22.11 14.44
CA PHE B 128 -14.62 -21.82 13.27
C PHE B 128 -14.71 -22.89 12.21
N ARG B 129 -15.84 -23.58 12.09
CA ARG B 129 -16.05 -24.58 11.05
C ARG B 129 -16.01 -23.88 9.68
N SER B 130 -15.21 -24.38 8.76
CA SER B 130 -15.05 -23.77 7.44
C SER B 130 -16.27 -23.98 6.57
N PRO B 131 -16.63 -22.97 5.75
CA PRO B 131 -17.76 -23.17 4.84
C PRO B 131 -17.39 -24.12 3.70
N SER B 132 -16.23 -23.90 3.06
CA SER B 132 -15.70 -24.70 1.95
C SER B 132 -15.85 -26.20 2.17
N THR B 133 -15.50 -26.67 3.38
CA THR B 133 -15.61 -28.09 3.74
C THR B 133 -15.93 -28.18 5.23
N GLY B 134 -17.03 -28.84 5.56
CA GLY B 134 -17.49 -28.98 6.94
C GLY B 134 -16.49 -29.58 7.90
N THR B 135 -15.61 -30.48 7.40
CA THR B 135 -14.55 -31.11 8.21
C THR B 135 -13.28 -30.26 8.37
N HIS B 136 -13.29 -29.02 7.87
CA HIS B 136 -12.13 -28.14 8.00
C HIS B 136 -12.34 -27.12 9.10
N THR B 137 -11.25 -26.72 9.76
CA THR B 137 -11.30 -25.69 10.79
C THR B 137 -10.50 -24.48 10.37
N THR B 138 -11.15 -23.32 10.38
CA THR B 138 -10.50 -22.06 10.05
C THR B 138 -9.60 -21.67 11.17
N VAL B 139 -8.30 -21.57 10.89
CA VAL B 139 -7.33 -21.19 11.90
C VAL B 139 -6.69 -19.84 11.64
N GLY B 140 -6.78 -19.30 10.42
CA GLY B 140 -6.21 -17.98 10.16
C GLY B 140 -6.52 -17.30 8.84
N PHE B 141 -5.96 -16.10 8.67
CA PHE B 141 -6.16 -15.37 7.43
C PHE B 141 -4.97 -14.42 7.15
N VAL B 142 -4.90 -13.94 5.92
CA VAL B 142 -3.91 -12.97 5.52
C VAL B 142 -4.57 -12.02 4.57
N LEU B 143 -4.46 -10.72 4.79
CA LEU B 143 -5.04 -9.73 3.89
C LEU B 143 -3.89 -8.97 3.26
N PHE B 144 -3.92 -8.86 1.92
CA PHE B 144 -2.90 -8.15 1.19
C PHE B 144 -3.45 -7.46 -0.08
N PHE B 145 -2.72 -6.49 -0.62
CA PHE B 145 -3.16 -5.75 -1.78
C PHE B 145 -1.95 -5.29 -2.58
N PRO B 146 -2.13 -5.04 -3.88
CA PRO B 146 -1.00 -4.57 -4.68
C PRO B 146 -0.50 -3.20 -4.20
N ASN B 147 0.80 -3.00 -4.29
CA ASN B 147 1.45 -1.72 -4.08
C ASN B 147 2.27 -1.43 -5.37
N TYR B 148 3.06 -0.38 -5.40
CA TYR B 148 3.80 0.00 -6.56
C TYR B 148 5.08 0.66 -6.19
N SER B 149 6.18 0.28 -6.84
CA SER B 149 7.47 0.92 -6.62
C SER B 149 7.77 1.76 -7.86
N THR B 150 7.89 3.09 -7.74
CA THR B 150 8.26 3.91 -8.89
C THR B 150 9.73 3.75 -9.28
N PHE B 151 10.60 3.36 -8.33
CA PHE B 151 12.01 3.19 -8.67
C PHE B 151 12.22 1.92 -9.48
N LEU B 152 11.39 0.88 -9.28
CA LEU B 152 11.43 -0.33 -10.09
C LEU B 152 10.48 -0.24 -11.30
N ALA B 153 9.45 0.63 -11.23
CA ALA B 153 8.38 0.82 -12.22
C ALA B 153 7.67 -0.52 -12.39
N LYS B 154 7.29 -1.12 -11.25
CA LYS B 154 6.72 -2.45 -11.14
C LYS B 154 5.76 -2.48 -9.98
N GLY B 155 4.69 -3.24 -10.14
CA GLY B 155 3.76 -3.48 -9.05
C GLY B 155 4.29 -4.54 -8.10
N GLY B 156 4.03 -4.37 -6.82
CA GLY B 156 4.42 -5.36 -5.83
C GLY B 156 3.22 -5.76 -4.99
N TYR B 157 3.48 -6.27 -3.77
CA TYR B 157 2.39 -6.60 -2.87
C TYR B 157 2.68 -6.18 -1.47
N TYR B 158 1.65 -5.71 -0.76
CA TYR B 158 1.81 -5.31 0.62
C TYR B 158 0.89 -6.18 1.45
N ILE B 159 1.42 -6.83 2.48
CA ILE B 159 0.67 -7.65 3.43
C ILE B 159 0.25 -6.76 4.56
N GLU B 160 -1.05 -6.54 4.70
CA GLU B 160 -1.63 -5.68 5.72
C GLU B 160 -1.78 -6.40 7.08
N ASP B 161 -2.31 -7.61 7.10
CA ASP B 161 -2.49 -8.36 8.33
C ASP B 161 -2.37 -9.84 8.12
N LEU B 162 -1.83 -10.53 9.09
CA LEU B 162 -1.63 -11.97 8.98
C LEU B 162 -1.85 -12.51 10.41
N TYR B 163 -2.85 -13.38 10.58
CA TYR B 163 -3.21 -13.84 11.90
C TYR B 163 -3.47 -15.35 11.92
N VAL B 164 -3.10 -16.00 13.01
CA VAL B 164 -3.29 -17.43 13.28
C VAL B 164 -3.84 -17.54 14.70
N ARG B 165 -4.88 -18.34 14.90
CA ARG B 165 -5.47 -18.50 16.22
C ARG B 165 -4.48 -19.14 17.19
N LYS B 166 -4.57 -18.76 18.47
CA LYS B 166 -3.70 -19.19 19.57
C LYS B 166 -3.46 -20.69 19.61
N PRO B 167 -4.49 -21.57 19.58
CA PRO B 167 -4.20 -23.01 19.65
C PRO B 167 -3.30 -23.56 18.55
N TYR B 168 -3.15 -22.83 17.41
CA TYR B 168 -2.40 -23.33 16.24
C TYR B 168 -1.06 -22.68 15.96
N ARG B 169 -0.62 -21.79 16.84
CA ARG B 169 0.64 -21.10 16.69
C ARG B 169 1.78 -21.99 17.07
N GLY B 170 2.98 -21.63 16.64
CA GLY B 170 4.19 -22.37 16.98
C GLY B 170 4.31 -23.76 16.37
N THR B 171 3.71 -23.98 15.20
CA THR B 171 3.86 -25.26 14.50
C THR B 171 4.04 -25.07 12.98
N GLY B 172 4.33 -23.85 12.52
CA GLY B 172 4.63 -23.61 11.12
C GLY B 172 3.52 -23.07 10.25
N LEU B 173 2.30 -22.95 10.77
CA LEU B 173 1.17 -22.50 9.94
C LEU B 173 1.26 -21.03 9.47
N GLY B 174 1.67 -20.13 10.35
CA GLY B 174 1.82 -18.72 9.99
C GLY B 174 2.87 -18.52 8.92
N THR B 175 3.95 -19.32 8.95
CA THR B 175 4.98 -19.28 7.92
C THR B 175 4.41 -19.70 6.56
N ILE B 176 3.59 -20.78 6.55
CA ILE B 176 2.95 -21.28 5.33
C ILE B 176 2.04 -20.20 4.73
N LEU B 177 1.31 -19.51 5.59
CA LEU B 177 0.41 -18.45 5.15
C LEU B 177 1.19 -17.32 4.46
N LEU B 178 2.29 -16.84 5.09
CA LEU B 178 3.15 -15.77 4.56
C LEU B 178 3.83 -16.21 3.27
N LYS B 179 4.44 -17.41 3.26
CA LYS B 179 5.09 -17.90 2.08
C LYS B 179 4.13 -18.18 0.94
N SER B 180 2.84 -18.42 1.23
CA SER B 180 1.78 -18.63 0.26
C SER B 180 1.50 -17.36 -0.50
N VAL B 181 1.49 -16.22 0.19
CA VAL B 181 1.31 -14.93 -0.46
C VAL B 181 2.56 -14.62 -1.29
N VAL B 182 3.77 -14.82 -0.70
CA VAL B 182 5.03 -14.53 -1.39
C VAL B 182 5.17 -15.37 -2.66
N GLN B 183 4.84 -16.67 -2.59
CA GLN B 183 4.88 -17.54 -3.76
C GLN B 183 4.00 -17.01 -4.90
N GLN B 184 2.75 -16.60 -4.60
CA GLN B 184 1.87 -16.03 -5.63
C GLN B 184 2.38 -14.70 -6.16
N ALA B 185 2.97 -13.89 -5.28
CA ALA B 185 3.54 -12.60 -5.67
C ALA B 185 4.68 -12.80 -6.69
N LYS B 186 5.57 -13.77 -6.45
CA LYS B 186 6.65 -14.08 -7.41
C LYS B 186 6.08 -14.60 -8.74
N LYS B 187 5.02 -15.43 -8.68
CA LYS B 187 4.37 -15.94 -9.90
C LYS B 187 3.77 -14.80 -10.73
N LEU B 188 3.31 -13.74 -10.06
CA LEU B 188 2.78 -12.54 -10.71
C LEU B 188 3.89 -11.50 -11.02
N ARG B 189 5.17 -11.89 -10.83
CA ARG B 189 6.40 -11.15 -11.07
C ARG B 189 6.50 -9.85 -10.26
N ALA B 190 6.06 -9.88 -8.98
CA ALA B 190 6.13 -8.72 -8.11
C ALA B 190 7.59 -8.30 -7.90
N GLY B 191 7.84 -6.99 -7.84
CA GLY B 191 9.19 -6.49 -7.61
C GLY B 191 9.59 -6.64 -6.16
N ARG B 192 8.62 -6.47 -5.26
CA ARG B 192 8.84 -6.53 -3.82
C ARG B 192 7.62 -7.06 -3.15
N VAL B 193 7.80 -7.59 -1.93
CA VAL B 193 6.72 -7.95 -1.05
C VAL B 193 6.98 -7.24 0.29
N GLU B 194 6.03 -6.44 0.74
CA GLU B 194 6.24 -5.61 1.92
C GLU B 194 5.17 -5.75 2.98
N TRP B 195 5.50 -5.35 4.20
CA TRP B 195 4.60 -5.32 5.34
C TRP B 195 5.20 -4.42 6.41
N CYS B 196 4.47 -4.16 7.47
CA CYS B 196 4.99 -3.33 8.56
C CYS B 196 5.19 -4.13 9.83
N VAL B 197 6.12 -3.68 10.65
CA VAL B 197 6.41 -4.32 11.94
C VAL B 197 6.54 -3.22 13.00
N LEU B 198 6.11 -3.50 14.25
CA LEU B 198 6.30 -2.58 15.34
C LEU B 198 7.80 -2.54 15.66
N ASP B 199 8.36 -1.35 15.83
CA ASP B 199 9.79 -1.18 16.07
C ASP B 199 10.34 -1.90 17.32
N TRP B 200 9.48 -2.06 18.34
CA TRP B 200 9.88 -2.76 19.56
C TRP B 200 9.71 -4.29 19.44
N ASN B 201 9.00 -4.78 18.40
CA ASN B 201 8.81 -6.21 18.21
C ASN B 201 10.08 -6.80 17.58
N VAL B 202 11.17 -6.89 18.39
CA VAL B 202 12.47 -7.36 17.96
C VAL B 202 12.47 -8.82 17.54
N ASN B 203 11.56 -9.63 18.11
CA ASN B 203 11.42 -11.04 17.74
C ASN B 203 10.91 -11.12 16.29
N ALA B 204 9.98 -10.25 15.91
CA ALA B 204 9.46 -10.25 14.54
C ALA B 204 10.54 -9.78 13.60
N ILE B 205 11.25 -8.65 13.94
CA ILE B 205 12.40 -8.16 13.15
C ILE B 205 13.42 -9.30 12.91
N LYS B 206 13.77 -10.05 13.95
CA LYS B 206 14.66 -11.19 13.81
C LYS B 206 14.11 -12.24 12.81
N PHE B 207 12.83 -12.65 12.94
CA PHE B 207 12.25 -13.65 12.05
C PHE B 207 12.19 -13.16 10.59
N TYR B 208 11.79 -11.90 10.38
CA TYR B 208 11.70 -11.31 9.05
C TYR B 208 13.08 -11.22 8.44
N GLU B 209 14.10 -10.82 9.24
CA GLU B 209 15.49 -10.74 8.78
C GLU B 209 15.99 -12.09 8.37
N GLY B 210 15.58 -13.14 9.09
CA GLY B 210 15.97 -14.53 8.82
C GLY B 210 15.38 -15.06 7.53
N LEU B 211 14.23 -14.48 7.11
CA LEU B 211 13.56 -14.79 5.84
C LEU B 211 14.22 -14.09 4.64
N GLY B 212 15.17 -13.18 4.89
CA GLY B 212 15.80 -12.39 3.87
C GLY B 212 15.17 -11.02 3.74
N ALA B 213 14.05 -10.75 4.46
CA ALA B 213 13.44 -9.43 4.42
C ALA B 213 14.31 -8.44 5.17
N LYS B 214 14.24 -7.16 4.77
CA LYS B 214 15.01 -6.10 5.40
C LYS B 214 14.07 -5.10 6.05
N VAL B 215 14.30 -4.79 7.33
CA VAL B 215 13.52 -3.81 8.05
C VAL B 215 14.17 -2.46 7.77
N MET B 216 13.49 -1.59 7.01
CA MET B 216 14.07 -0.30 6.67
C MET B 216 14.11 0.57 7.89
N PRO B 217 15.27 1.16 8.22
CA PRO B 217 15.37 1.97 9.44
C PRO B 217 14.84 3.39 9.36
N GLU B 218 14.93 4.04 8.19
CA GLU B 218 14.54 5.44 8.07
C GLU B 218 13.09 5.73 7.70
N TRP B 219 12.28 4.72 7.33
CA TRP B 219 10.90 4.99 6.91
C TRP B 219 9.89 5.02 8.06
N ARG B 220 8.98 6.00 7.99
CA ARG B 220 7.89 6.19 8.93
C ARG B 220 6.56 6.23 8.17
N ILE B 221 5.48 5.72 8.75
CA ILE B 221 4.17 5.79 8.10
C ILE B 221 3.49 7.07 8.58
N CYS B 222 2.91 7.85 7.67
CA CYS B 222 2.13 9.04 8.05
C CYS B 222 0.68 8.74 7.73
N ARG B 223 -0.23 9.24 8.55
CA ARG B 223 -1.64 8.94 8.34
C ARG B 223 -2.45 10.18 8.48
N LEU B 224 -3.36 10.41 7.54
CA LEU B 224 -4.28 11.53 7.58
C LEU B 224 -5.65 10.87 7.69
N THR B 225 -6.37 11.13 8.79
CA THR B 225 -7.66 10.49 9.04
C THR B 225 -8.52 11.38 9.94
N GLY B 226 -9.78 10.99 10.16
CA GLY B 226 -10.69 11.69 11.05
C GLY B 226 -10.95 13.11 10.65
N GLU B 227 -11.02 14.00 11.66
CA GLU B 227 -11.28 15.41 11.48
C GLU B 227 -10.19 16.09 10.64
N ALA B 228 -8.91 15.70 10.74
CA ALA B 228 -7.87 16.26 9.87
C ALA B 228 -8.12 15.91 8.37
N LEU B 229 -8.51 14.67 8.07
CA LEU B 229 -8.85 14.27 6.71
C LEU B 229 -10.08 15.05 6.24
N GLU B 230 -11.10 15.17 7.09
CA GLU B 230 -12.32 15.93 6.76
C GLU B 230 -12.02 17.41 6.51
N ALA B 231 -11.10 18.01 7.27
CA ALA B 231 -10.75 19.42 7.09
C ALA B 231 -9.85 19.68 5.87
N CYS B 232 -9.02 18.69 5.48
CA CYS B 232 -8.10 18.81 4.35
C CYS B 232 -8.87 19.05 3.06
N ALA B 233 -8.99 20.32 2.61
CA ALA B 233 -9.73 20.71 1.42
C ALA B 233 -9.04 21.76 0.53
N LEU B 234 -9.39 21.79 -0.76
CA LEU B 234 -8.82 22.72 -1.75
C LEU B 234 -9.77 23.86 -2.06
#